data_5HSZ
#
_entry.id   5HSZ
#
_cell.length_a   69.261
_cell.length_b   69.261
_cell.length_c   325.613
_cell.angle_alpha   90.000
_cell.angle_beta   90.000
_cell.angle_gamma   120.000
#
_symmetry.space_group_name_H-M   'P 65 2 2'
#
loop_
_entity.id
_entity.type
_entity.pdbx_description
1 polymer 'Nucleoid occlusion factor SlmA'
2 polymer 'C-terminal Tail of FtsZ'
3 non-polymer 'SULFATE ION'
4 water water
#
loop_
_entity_poly.entity_id
_entity_poly.type
_entity_poly.pdbx_seq_one_letter_code
_entity_poly.pdbx_strand_id
1 'polypeptide(L)'
;EKQTAKRNRREEILQSLALMLESSDGSQRITTAKLAASVGVSEAALYRHFPSKTRMFDSLIEFIEDSLITRINLILKDEK
DTTARLRLIVLLILGFGERNPGLTRILTGHALMFEQDRLQGRINQLFERIEAQLRQVMREKKMREGEGYTLDETLLASQL
LAFCEGMLSRFVRSEFKYRPTDDFDARWPLVAAQLQ
;
A,B
2 'polypeptide(L)' LDIPAFLRKQA K
#
loop_
_chem_comp.id
_chem_comp.type
_chem_comp.name
_chem_comp.formula
SO4 non-polymer 'SULFATE ION' 'O4 S -2'
#
# COMPACT_ATOMS: atom_id res chain seq x y z
N ARG A 7 1.98 14.80 -30.64
CA ARG A 7 0.97 13.77 -30.77
C ARG A 7 1.58 12.36 -30.80
N ASN A 8 2.15 12.00 -31.94
CA ASN A 8 2.79 10.71 -32.08
C ASN A 8 3.94 10.56 -31.08
N ARG A 9 4.78 11.58 -31.01
CA ARG A 9 5.93 11.59 -30.10
C ARG A 9 5.48 11.69 -28.65
N ARG A 10 4.46 12.51 -28.40
CA ARG A 10 3.96 12.71 -27.05
C ARG A 10 3.47 11.42 -26.43
N GLU A 11 2.63 10.68 -27.15
CA GLU A 11 2.13 9.41 -26.67
C GLU A 11 3.26 8.40 -26.52
N GLU A 12 4.19 8.42 -27.47
CA GLU A 12 5.38 7.57 -27.40
C GLU A 12 6.09 7.75 -26.07
N ILE A 13 6.28 9.01 -25.67
CA ILE A 13 6.93 9.32 -24.41
C ILE A 13 6.14 8.77 -23.23
N LEU A 14 4.83 8.96 -23.26
CA LEU A 14 3.95 8.46 -22.21
C LEU A 14 3.95 6.93 -22.17
N GLN A 15 3.88 6.32 -23.36
CA GLN A 15 3.93 4.87 -23.48
C GLN A 15 5.19 4.31 -22.83
N SER A 16 6.32 4.94 -23.11
CA SER A 16 7.60 4.49 -22.59
C SER A 16 7.72 4.73 -21.09
N LEU A 17 7.06 5.77 -20.59
CA LEU A 17 7.06 6.06 -19.16
C LEU A 17 6.28 5.00 -18.40
N ALA A 18 5.10 4.68 -18.90
CA ALA A 18 4.26 3.64 -18.31
C ALA A 18 5.02 2.31 -18.29
N LEU A 19 5.70 2.02 -19.39
CA LEU A 19 6.47 0.80 -19.51
C LEU A 19 7.65 0.81 -18.53
N MET A 20 8.32 1.96 -18.43
CA MET A 20 9.42 2.10 -17.49
C MET A 20 8.95 1.92 -16.06
N LEU A 21 7.76 2.44 -15.75
CA LEU A 21 7.19 2.32 -14.41
C LEU A 21 6.88 0.88 -14.05
N GLU A 22 6.70 0.03 -15.06
CA GLU A 22 6.31 -1.36 -14.84
C GLU A 22 7.51 -2.30 -14.86
N SER A 23 8.64 -1.82 -15.40
CA SER A 23 9.83 -2.64 -15.52
C SER A 23 10.72 -2.54 -14.29
N SER A 24 11.95 -3.03 -14.41
CA SER A 24 12.92 -3.00 -13.32
C SER A 24 13.31 -1.56 -12.96
N ASP A 25 13.18 -0.66 -13.93
CA ASP A 25 13.46 0.74 -13.69
C ASP A 25 12.27 1.42 -13.02
N GLY A 26 11.14 0.73 -12.99
CA GLY A 26 9.92 1.28 -12.42
C GLY A 26 10.05 1.60 -10.94
N SER A 27 10.95 0.90 -10.26
CA SER A 27 11.16 1.10 -8.83
C SER A 27 12.24 2.15 -8.56
N GLN A 28 12.76 2.76 -9.62
CA GLN A 28 13.78 3.79 -9.49
C GLN A 28 13.33 5.10 -10.14
N ARG A 29 14.04 6.18 -9.86
CA ARG A 29 13.72 7.47 -10.45
C ARG A 29 13.91 7.43 -11.96
N ILE A 30 12.86 7.82 -12.70
CA ILE A 30 12.96 7.93 -14.14
C ILE A 30 13.65 9.25 -14.46
N THR A 31 14.53 9.24 -15.46
CA THR A 31 15.24 10.46 -15.83
C THR A 31 14.75 10.97 -17.17
N THR A 32 14.73 12.29 -17.32
CA THR A 32 14.38 12.91 -18.59
C THR A 32 15.32 12.41 -19.69
N ALA A 33 16.55 12.08 -19.30
CA ALA A 33 17.54 11.58 -20.23
C ALA A 33 17.19 10.18 -20.73
N LYS A 34 16.93 9.26 -19.81
CA LYS A 34 16.56 7.90 -20.16
C LYS A 34 15.27 7.89 -20.97
N LEU A 35 14.29 8.66 -20.52
CA LEU A 35 13.00 8.75 -21.19
C LEU A 35 13.18 9.12 -22.66
N ALA A 36 14.04 10.10 -22.91
CA ALA A 36 14.33 10.54 -24.27
C ALA A 36 14.99 9.43 -25.09
N ALA A 37 15.91 8.71 -24.45
CA ALA A 37 16.64 7.64 -25.13
C ALA A 37 15.71 6.51 -25.57
N SER A 38 14.79 6.12 -24.70
CA SER A 38 13.89 5.01 -24.98
C SER A 38 13.02 5.27 -26.21
N VAL A 39 12.68 6.54 -26.45
CA VAL A 39 11.88 6.89 -27.61
C VAL A 39 12.76 7.31 -28.79
N GLY A 40 14.07 7.32 -28.56
CA GLY A 40 15.02 7.60 -29.61
C GLY A 40 15.12 9.07 -29.98
N VAL A 41 14.88 9.94 -29.01
CA VAL A 41 15.00 11.38 -29.25
C VAL A 41 15.96 12.01 -28.25
N SER A 42 16.36 13.25 -28.53
CA SER A 42 17.27 13.96 -27.64
C SER A 42 16.53 14.53 -26.44
N GLU A 43 17.26 14.78 -25.37
CA GLU A 43 16.69 15.37 -24.17
C GLU A 43 15.99 16.69 -24.51
N ALA A 44 16.61 17.47 -25.39
CA ALA A 44 16.06 18.74 -25.82
C ALA A 44 14.74 18.55 -26.56
N ALA A 45 14.69 17.55 -27.43
CA ALA A 45 13.49 17.25 -28.20
C ALA A 45 12.33 16.86 -27.28
N LEU A 46 12.64 16.08 -26.25
CA LEU A 46 11.63 15.65 -25.30
C LEU A 46 11.01 16.85 -24.57
N TYR A 47 11.84 17.82 -24.23
CA TYR A 47 11.37 19.02 -23.54
C TYR A 47 10.31 19.75 -24.36
N ARG A 48 10.45 19.70 -25.68
CA ARG A 48 9.50 20.33 -26.59
C ARG A 48 8.08 19.85 -26.32
N HIS A 49 7.96 18.62 -25.85
CA HIS A 49 6.65 18.02 -25.58
C HIS A 49 6.31 18.10 -24.09
N PHE A 50 7.30 17.84 -23.24
CA PHE A 50 7.10 17.91 -21.80
C PHE A 50 8.25 18.63 -21.11
N PRO A 51 7.97 19.80 -20.52
CA PRO A 51 8.99 20.55 -19.78
C PRO A 51 9.55 19.71 -18.63
N SER A 52 8.66 18.95 -18.01
CA SER A 52 9.05 18.09 -16.89
C SER A 52 8.29 16.77 -16.94
N LYS A 53 8.64 15.86 -16.04
CA LYS A 53 7.94 14.59 -15.94
C LYS A 53 6.60 14.78 -15.24
N THR A 54 6.44 15.94 -14.61
CA THR A 54 5.21 16.26 -13.89
C THR A 54 4.02 16.26 -14.83
N ARG A 55 4.17 16.93 -15.96
CA ARG A 55 3.13 16.97 -16.99
C ARG A 55 2.82 15.55 -17.47
N MET A 56 3.86 14.71 -17.51
CA MET A 56 3.70 13.32 -17.95
C MET A 56 2.83 12.55 -16.97
N PHE A 57 3.15 12.64 -15.68
CA PHE A 57 2.38 11.95 -14.65
C PHE A 57 0.94 12.43 -14.62
N ASP A 58 0.75 13.75 -14.77
CA ASP A 58 -0.58 14.32 -14.85
C ASP A 58 -1.42 13.60 -15.90
N SER A 59 -0.84 13.41 -17.07
CA SER A 59 -1.53 12.74 -18.18
C SER A 59 -1.88 11.30 -17.82
N LEU A 60 -0.93 10.61 -17.20
CA LEU A 60 -1.15 9.23 -16.77
C LEU A 60 -2.26 9.15 -15.73
N ILE A 61 -2.19 10.00 -14.71
CA ILE A 61 -3.19 10.04 -13.66
C ILE A 61 -4.57 10.35 -14.26
N GLU A 62 -4.59 11.19 -15.29
CA GLU A 62 -5.83 11.53 -15.97
C GLU A 62 -6.43 10.30 -16.63
N PHE A 63 -5.58 9.47 -17.21
CA PHE A 63 -6.01 8.21 -17.82
C PHE A 63 -6.60 7.30 -16.74
N ILE A 64 -5.96 7.27 -15.58
CA ILE A 64 -6.41 6.45 -14.47
C ILE A 64 -7.79 6.90 -14.00
N GLU A 65 -7.94 8.19 -13.76
CA GLU A 65 -9.22 8.76 -13.34
C GLU A 65 -10.32 8.40 -14.33
N ASP A 66 -10.08 8.68 -15.60
CA ASP A 66 -11.06 8.43 -16.64
C ASP A 66 -11.47 6.96 -16.71
N SER A 67 -10.48 6.07 -16.75
CA SER A 67 -10.75 4.64 -16.87
C SER A 67 -11.63 4.12 -15.73
N LEU A 68 -11.31 4.52 -14.50
CA LEU A 68 -12.04 4.03 -13.34
C LEU A 68 -13.41 4.70 -13.18
N ILE A 69 -13.41 6.02 -13.11
CA ILE A 69 -14.66 6.77 -12.94
C ILE A 69 -15.67 6.43 -14.02
N THR A 70 -15.22 6.40 -15.27
CA THR A 70 -16.09 6.07 -16.39
C THR A 70 -16.69 4.68 -16.25
N ARG A 71 -15.87 3.73 -15.84
CA ARG A 71 -16.33 2.35 -15.67
C ARG A 71 -17.28 2.21 -14.49
N ILE A 72 -17.04 2.98 -13.44
CA ILE A 72 -17.89 2.95 -12.26
C ILE A 72 -19.31 3.44 -12.59
N ASN A 73 -19.40 4.43 -13.46
CA ASN A 73 -20.70 4.95 -13.88
C ASN A 73 -21.45 3.98 -14.78
N LEU A 74 -20.71 3.27 -15.63
CA LEU A 74 -21.32 2.25 -16.48
C LEU A 74 -21.84 1.09 -15.64
N ILE A 75 -21.11 0.76 -14.58
CA ILE A 75 -21.53 -0.28 -13.66
C ILE A 75 -22.85 0.10 -12.99
N LEU A 76 -22.91 1.33 -12.48
CA LEU A 76 -24.10 1.81 -11.77
C LEU A 76 -25.33 1.82 -12.65
N LYS A 77 -25.13 1.99 -13.95
CA LYS A 77 -26.27 2.05 -14.88
C LYS A 77 -26.74 0.66 -15.33
N ASP A 78 -25.78 -0.23 -15.59
CA ASP A 78 -26.12 -1.55 -16.11
C ASP A 78 -26.45 -2.57 -15.00
N GLU A 79 -26.12 -2.23 -13.76
CA GLU A 79 -26.41 -3.11 -12.63
C GLU A 79 -27.04 -2.33 -11.49
N LYS A 80 -28.14 -2.85 -10.95
CA LYS A 80 -28.88 -2.15 -9.91
C LYS A 80 -28.74 -2.81 -8.54
N ASP A 81 -28.41 -4.09 -8.51
CA ASP A 81 -28.21 -4.80 -7.26
C ASP A 81 -26.98 -4.25 -6.53
N THR A 82 -27.19 -3.82 -5.28
CA THR A 82 -26.14 -3.17 -4.50
C THR A 82 -24.88 -4.03 -4.38
N THR A 83 -25.04 -5.28 -3.99
CA THR A 83 -23.90 -6.17 -3.79
C THR A 83 -23.16 -6.44 -5.10
N ALA A 84 -23.90 -6.62 -6.17
CA ALA A 84 -23.30 -6.83 -7.50
C ALA A 84 -22.53 -5.60 -7.91
N ARG A 85 -23.10 -4.42 -7.67
CA ARG A 85 -22.42 -3.16 -7.95
C ARG A 85 -21.08 -3.11 -7.21
N LEU A 86 -21.13 -3.31 -5.89
CA LEU A 86 -19.92 -3.34 -5.07
C LEU A 86 -18.89 -4.32 -5.63
N ARG A 87 -19.34 -5.51 -6.01
CA ARG A 87 -18.44 -6.53 -6.53
C ARG A 87 -17.77 -6.07 -7.82
N LEU A 88 -18.57 -5.57 -8.76
CA LEU A 88 -18.05 -5.09 -10.04
C LEU A 88 -17.02 -3.98 -9.82
N ILE A 89 -17.35 -3.03 -8.96
CA ILE A 89 -16.46 -1.89 -8.71
C ILE A 89 -15.13 -2.36 -8.13
N VAL A 90 -15.17 -3.27 -7.16
CA VAL A 90 -13.97 -3.84 -6.57
C VAL A 90 -13.17 -4.60 -7.63
N LEU A 91 -13.87 -5.40 -8.42
CA LEU A 91 -13.24 -6.17 -9.49
C LEU A 91 -12.62 -5.25 -10.54
N LEU A 92 -13.27 -4.11 -10.77
CA LEU A 92 -12.77 -3.11 -11.70
C LEU A 92 -11.43 -2.54 -11.24
N ILE A 93 -11.38 -2.14 -9.97
CA ILE A 93 -10.17 -1.56 -9.39
C ILE A 93 -9.01 -2.54 -9.41
N LEU A 94 -9.26 -3.75 -8.94
CA LEU A 94 -8.25 -4.80 -8.93
C LEU A 94 -7.81 -5.15 -10.35
N GLY A 95 -8.78 -5.30 -11.25
CA GLY A 95 -8.49 -5.62 -12.63
C GLY A 95 -7.65 -4.56 -13.30
N PHE A 96 -8.03 -3.30 -13.12
CA PHE A 96 -7.30 -2.18 -13.72
C PHE A 96 -5.84 -2.17 -13.27
N GLY A 97 -5.62 -2.40 -11.98
CA GLY A 97 -4.28 -2.46 -11.44
C GLY A 97 -3.47 -3.56 -12.10
N GLU A 98 -4.11 -4.71 -12.31
CA GLU A 98 -3.46 -5.86 -12.91
C GLU A 98 -3.16 -5.61 -14.40
N ARG A 99 -4.06 -4.90 -15.06
CA ARG A 99 -3.91 -4.60 -16.48
C ARG A 99 -2.93 -3.45 -16.71
N ASN A 100 -2.54 -2.78 -15.64
CA ASN A 100 -1.62 -1.64 -15.73
C ASN A 100 -0.65 -1.62 -14.55
N PRO A 101 0.34 -2.52 -14.55
CA PRO A 101 1.31 -2.63 -13.45
C PRO A 101 2.00 -1.30 -13.15
N GLY A 102 2.33 -0.56 -14.21
CA GLY A 102 3.02 0.71 -14.05
C GLY A 102 2.17 1.80 -13.45
N LEU A 103 0.94 1.91 -13.93
CA LEU A 103 0.02 2.93 -13.42
C LEU A 103 -0.41 2.62 -11.99
N THR A 104 -0.33 1.34 -11.62
CA THR A 104 -0.69 0.92 -10.27
C THR A 104 0.29 1.50 -9.25
N ARG A 105 1.57 1.55 -9.63
CA ARG A 105 2.60 2.13 -8.77
C ARG A 105 2.34 3.61 -8.55
N ILE A 106 1.63 4.23 -9.49
CA ILE A 106 1.19 5.61 -9.32
C ILE A 106 0.00 5.64 -8.38
N LEU A 107 -0.91 4.70 -8.56
CA LEU A 107 -2.08 4.57 -7.69
C LEU A 107 -1.67 4.32 -6.25
N THR A 108 -0.62 3.52 -6.07
CA THR A 108 -0.17 3.14 -4.74
C THR A 108 0.76 4.21 -4.12
N GLY A 109 1.16 5.18 -4.94
CA GLY A 109 1.91 6.31 -4.44
C GLY A 109 3.42 6.17 -4.47
N HIS A 110 3.91 4.99 -4.86
CA HIS A 110 5.34 4.73 -4.87
C HIS A 110 6.05 5.50 -5.99
N ALA A 111 5.45 5.51 -7.17
CA ALA A 111 6.04 6.19 -8.32
C ALA A 111 6.04 7.70 -8.15
N LEU A 112 5.19 8.19 -7.26
CA LEU A 112 5.04 9.63 -7.05
C LEU A 112 5.91 10.15 -5.91
N MET A 113 6.60 9.25 -5.22
CA MET A 113 7.53 9.66 -4.18
C MET A 113 8.51 10.67 -4.73
N PHE A 114 9.04 10.38 -5.91
CA PHE A 114 10.01 11.24 -6.56
C PHE A 114 9.43 12.61 -6.93
N GLU A 115 8.20 12.62 -7.40
CA GLU A 115 7.64 13.81 -8.05
C GLU A 115 6.92 14.76 -7.09
N GLN A 116 6.29 15.78 -7.69
CA GLN A 116 5.62 16.84 -6.94
C GLN A 116 4.44 16.34 -6.10
N ASP A 117 4.19 17.02 -4.98
CA ASP A 117 3.19 16.60 -4.02
C ASP A 117 1.75 16.71 -4.51
N ARG A 118 1.51 17.53 -5.53
CA ARG A 118 0.16 17.70 -6.06
C ARG A 118 -0.25 16.53 -6.94
N LEU A 119 0.70 15.67 -7.25
CA LEU A 119 0.42 14.45 -8.01
C LEU A 119 -0.19 13.42 -7.07
N GLN A 120 0.41 13.26 -5.89
CA GLN A 120 -0.13 12.38 -4.87
C GLN A 120 -1.47 12.92 -4.39
N GLY A 121 -1.53 14.25 -4.20
CA GLY A 121 -2.75 14.90 -3.80
C GLY A 121 -3.90 14.58 -4.74
N ARG A 122 -3.60 14.53 -6.02
CA ARG A 122 -4.62 14.22 -7.03
C ARG A 122 -5.07 12.77 -6.91
N ILE A 123 -4.13 11.89 -6.57
CA ILE A 123 -4.43 10.47 -6.39
C ILE A 123 -5.31 10.24 -5.17
N ASN A 124 -4.98 10.89 -4.06
CA ASN A 124 -5.79 10.81 -2.86
C ASN A 124 -7.23 11.22 -3.13
N GLN A 125 -7.38 12.28 -3.92
CA GLN A 125 -8.70 12.77 -4.30
C GLN A 125 -9.48 11.71 -5.07
N LEU A 126 -8.79 11.00 -5.95
CA LEU A 126 -9.41 9.92 -6.71
C LEU A 126 -9.94 8.85 -5.76
N PHE A 127 -9.16 8.54 -4.73
CA PHE A 127 -9.58 7.55 -3.74
C PHE A 127 -10.77 8.05 -2.93
N GLU A 128 -10.67 9.26 -2.40
CA GLU A 128 -11.78 9.88 -1.69
C GLU A 128 -13.04 9.86 -2.55
N ARG A 129 -12.84 10.07 -3.85
CA ARG A 129 -13.92 10.10 -4.81
C ARG A 129 -14.57 8.72 -4.96
N ILE A 130 -13.73 7.70 -5.19
CA ILE A 130 -14.21 6.33 -5.33
C ILE A 130 -14.93 5.87 -4.06
N GLU A 131 -14.39 6.28 -2.92
CA GLU A 131 -14.94 5.90 -1.62
C GLU A 131 -16.28 6.57 -1.35
N ALA A 132 -16.41 7.82 -1.79
CA ALA A 132 -17.67 8.54 -1.67
C ALA A 132 -18.73 7.84 -2.50
N GLN A 133 -18.35 7.37 -3.68
CA GLN A 133 -19.24 6.63 -4.56
C GLN A 133 -19.63 5.31 -3.89
N LEU A 134 -18.63 4.64 -3.31
CA LEU A 134 -18.86 3.41 -2.58
C LEU A 134 -19.90 3.60 -1.49
N ARG A 135 -19.77 4.72 -0.76
CA ARG A 135 -20.72 5.03 0.31
C ARG A 135 -22.13 5.28 -0.22
N GLN A 136 -22.22 6.06 -1.31
CA GLN A 136 -23.51 6.39 -1.89
C GLN A 136 -24.23 5.16 -2.40
N VAL A 137 -23.47 4.25 -3.02
CA VAL A 137 -24.03 2.98 -3.48
C VAL A 137 -24.59 2.20 -2.30
N MET A 138 -23.85 2.21 -1.19
CA MET A 138 -24.25 1.49 0.01
C MET A 138 -25.48 2.10 0.68
N ARG A 139 -25.54 3.43 0.72
CA ARG A 139 -26.67 4.11 1.37
C ARG A 139 -28.00 3.87 0.65
N GLU A 140 -27.93 3.46 -0.60
CA GLU A 140 -29.14 3.26 -1.40
C GLU A 140 -29.71 1.86 -1.24
N LYS A 141 -28.99 0.99 -0.55
CA LYS A 141 -29.44 -0.38 -0.35
C LYS A 141 -30.82 -0.42 0.28
N LYS A 142 -31.01 0.41 1.31
CA LYS A 142 -32.28 0.48 2.01
C LYS A 142 -33.44 0.73 1.07
N MET A 143 -33.44 1.88 0.42
CA MET A 143 -34.51 2.28 -0.48
C MET A 143 -34.69 1.33 -1.66
N ARG A 144 -33.67 0.54 -1.95
CA ARG A 144 -33.71 -0.36 -3.10
C ARG A 144 -34.15 -1.79 -2.74
N GLU A 145 -33.55 -2.34 -1.70
CA GLU A 145 -33.84 -3.71 -1.29
C GLU A 145 -34.87 -3.81 -0.17
N GLY A 146 -35.12 -2.69 0.50
CA GLY A 146 -36.05 -2.67 1.62
C GLY A 146 -35.33 -2.88 2.94
N GLU A 147 -34.02 -3.10 2.86
CA GLU A 147 -33.20 -3.25 4.05
C GLU A 147 -31.76 -2.84 3.77
N GLY A 148 -31.25 -1.91 4.58
CA GLY A 148 -29.89 -1.42 4.41
C GLY A 148 -28.91 -2.13 5.32
N TYR A 149 -27.67 -1.66 5.33
CA TYR A 149 -26.65 -2.23 6.20
C TYR A 149 -26.85 -1.79 7.64
N THR A 150 -26.57 -2.68 8.58
CA THR A 150 -26.65 -2.39 10.00
C THR A 150 -25.54 -1.43 10.43
N LEU A 151 -24.35 -1.66 9.90
CA LEU A 151 -23.18 -0.84 10.25
C LEU A 151 -23.09 0.44 9.43
N ASP A 152 -22.24 1.34 9.89
CA ASP A 152 -22.04 2.64 9.24
C ASP A 152 -21.46 2.45 7.84
N GLU A 153 -22.13 3.04 6.84
CA GLU A 153 -21.68 2.94 5.46
C GLU A 153 -20.26 3.46 5.28
N THR A 154 -19.91 4.49 6.06
CA THR A 154 -18.57 5.04 6.02
C THR A 154 -17.55 3.98 6.40
N LEU A 155 -17.87 3.21 7.43
CA LEU A 155 -16.99 2.14 7.90
C LEU A 155 -16.85 1.04 6.85
N LEU A 156 -17.97 0.67 6.23
CA LEU A 156 -17.99 -0.40 5.25
C LEU A 156 -17.28 0.01 3.95
N ALA A 157 -17.42 1.26 3.57
CA ALA A 157 -16.79 1.78 2.37
C ALA A 157 -15.28 1.81 2.51
N SER A 158 -14.81 2.40 3.61
CA SER A 158 -13.38 2.43 3.91
C SER A 158 -12.83 1.02 4.00
N GLN A 159 -13.61 0.14 4.63
CA GLN A 159 -13.24 -1.27 4.75
C GLN A 159 -13.06 -1.89 3.37
N LEU A 160 -13.96 -1.54 2.47
CA LEU A 160 -13.96 -2.11 1.12
C LEU A 160 -12.79 -1.58 0.29
N LEU A 161 -12.51 -0.29 0.43
CA LEU A 161 -11.42 0.34 -0.30
C LEU A 161 -10.08 -0.09 0.28
N ALA A 162 -10.04 -0.29 1.60
CA ALA A 162 -8.83 -0.74 2.28
C ALA A 162 -8.37 -2.08 1.73
N PHE A 163 -9.32 -2.98 1.52
CA PHE A 163 -9.01 -4.28 0.94
C PHE A 163 -8.37 -4.14 -0.43
N CYS A 164 -8.85 -3.17 -1.21
CA CYS A 164 -8.30 -2.91 -2.54
C CYS A 164 -6.87 -2.39 -2.45
N GLU A 165 -6.65 -1.40 -1.59
CA GLU A 165 -5.32 -0.83 -1.41
C GLU A 165 -4.35 -1.88 -0.91
N GLY A 166 -4.84 -2.80 -0.09
CA GLY A 166 -4.03 -3.88 0.43
C GLY A 166 -3.61 -4.84 -0.66
N MET A 167 -4.54 -5.16 -1.55
CA MET A 167 -4.26 -6.06 -2.66
C MET A 167 -3.28 -5.42 -3.65
N LEU A 168 -3.51 -4.15 -3.96
CA LEU A 168 -2.65 -3.41 -4.88
C LEU A 168 -1.26 -3.20 -4.29
N SER A 169 -1.20 -2.95 -2.99
CA SER A 169 0.07 -2.73 -2.32
C SER A 169 0.94 -3.98 -2.38
N ARG A 170 0.32 -5.14 -2.20
CA ARG A 170 1.03 -6.41 -2.29
C ARG A 170 1.40 -6.69 -3.74
N PHE A 171 0.50 -6.32 -4.66
CA PHE A 171 0.75 -6.46 -6.08
C PHE A 171 2.02 -5.71 -6.48
N VAL A 172 2.13 -4.47 -6.02
CA VAL A 172 3.27 -3.62 -6.34
C VAL A 172 4.57 -4.10 -5.71
N ARG A 173 4.53 -4.39 -4.41
CA ARG A 173 5.74 -4.77 -3.68
C ARG A 173 6.24 -6.17 -4.06
N SER A 174 5.36 -6.98 -4.64
CA SER A 174 5.73 -8.32 -5.08
C SER A 174 6.20 -8.27 -6.53
N GLU A 175 6.53 -7.07 -6.99
CA GLU A 175 6.96 -6.88 -8.37
C GLU A 175 5.95 -7.48 -9.35
N PHE A 176 4.68 -7.41 -8.97
CA PHE A 176 3.56 -7.82 -9.82
C PHE A 176 3.43 -9.33 -9.95
N LYS A 177 4.02 -10.06 -9.01
CA LYS A 177 3.86 -11.52 -8.97
C LYS A 177 2.48 -11.86 -8.42
N TYR A 178 2.15 -11.26 -7.28
CA TYR A 178 0.85 -11.48 -6.64
C TYR A 178 -0.21 -10.61 -7.30
N ARG A 179 -0.97 -11.21 -8.22
CA ARG A 179 -1.98 -10.48 -8.98
C ARG A 179 -3.27 -10.26 -8.19
N PRO A 180 -3.85 -9.06 -8.32
CA PRO A 180 -5.02 -8.63 -7.54
C PRO A 180 -6.26 -9.49 -7.75
N THR A 181 -6.51 -9.93 -8.98
CA THR A 181 -7.72 -10.67 -9.30
C THR A 181 -7.55 -12.18 -9.15
N ASP A 182 -6.41 -12.60 -8.60
CA ASP A 182 -6.15 -14.02 -8.40
C ASP A 182 -7.19 -14.62 -7.47
N ASP A 183 -7.75 -15.77 -7.87
CA ASP A 183 -8.74 -16.46 -7.05
C ASP A 183 -9.81 -15.50 -6.53
N PHE A 184 -10.20 -14.54 -7.37
CA PHE A 184 -11.15 -13.52 -6.96
C PHE A 184 -12.49 -14.12 -6.55
N ASP A 185 -12.93 -15.16 -7.27
CA ASP A 185 -14.18 -15.81 -6.95
C ASP A 185 -14.16 -16.41 -5.54
N ALA A 186 -12.97 -16.74 -5.07
CA ALA A 186 -12.80 -17.27 -3.72
C ALA A 186 -12.63 -16.16 -2.71
N ARG A 187 -12.04 -15.06 -3.16
CA ARG A 187 -11.71 -13.94 -2.28
C ARG A 187 -12.90 -13.03 -2.02
N TRP A 188 -13.73 -12.82 -3.04
CA TRP A 188 -14.85 -11.89 -2.94
C TRP A 188 -15.89 -12.25 -1.87
N PRO A 189 -16.34 -13.52 -1.83
CA PRO A 189 -17.32 -13.90 -0.82
C PRO A 189 -16.87 -13.55 0.59
N LEU A 190 -15.56 -13.55 0.81
CA LEU A 190 -14.99 -13.18 2.10
C LEU A 190 -15.09 -11.67 2.32
N VAL A 191 -14.89 -10.91 1.24
CA VAL A 191 -15.00 -9.46 1.30
C VAL A 191 -16.44 -9.05 1.55
N ALA A 192 -17.37 -9.72 0.86
CA ALA A 192 -18.80 -9.44 1.01
C ALA A 192 -19.27 -9.75 2.43
N ALA A 193 -18.67 -10.77 3.03
CA ALA A 193 -19.00 -11.14 4.39
C ALA A 193 -18.64 -10.01 5.36
N GLN A 194 -17.67 -9.20 4.97
CA GLN A 194 -17.26 -8.05 5.78
C GLN A 194 -18.31 -6.96 5.71
N LEU A 195 -19.13 -7.00 4.66
CA LEU A 195 -20.27 -6.12 4.57
C LEU A 195 -21.31 -6.58 5.58
N GLN A 196 -20.81 -6.83 6.80
CA GLN A 196 -21.59 -6.97 8.04
C GLN A 196 -21.46 -8.34 8.74
N GLU B 1 33.14 5.97 28.80
CA GLU B 1 31.93 6.45 28.14
C GLU B 1 31.79 5.87 26.73
N LYS B 2 32.80 5.12 26.31
CA LYS B 2 32.82 4.57 24.95
C LYS B 2 31.47 3.98 24.55
N GLN B 3 30.78 3.38 25.51
CA GLN B 3 29.50 2.74 25.23
C GLN B 3 28.31 3.62 25.56
N THR B 4 28.52 4.68 26.34
CA THR B 4 27.44 5.57 26.69
C THR B 4 27.46 6.82 25.80
N ALA B 5 28.31 6.79 24.79
CA ALA B 5 28.31 7.81 23.75
C ALA B 5 28.19 7.17 22.37
N LYS B 6 28.39 5.87 22.31
CA LYS B 6 28.34 5.16 21.04
C LYS B 6 26.92 4.73 20.69
N ARG B 7 26.17 4.27 21.69
CA ARG B 7 24.78 3.88 21.50
C ARG B 7 23.84 5.03 21.86
N ASN B 8 24.18 5.74 22.93
CA ASN B 8 23.41 6.89 23.37
C ASN B 8 23.30 7.97 22.29
N ARG B 9 24.37 8.13 21.51
CA ARG B 9 24.37 9.09 20.42
C ARG B 9 23.81 8.46 19.15
N ARG B 10 23.89 7.14 19.06
CA ARG B 10 23.40 6.39 17.90
C ARG B 10 21.88 6.26 17.94
N GLU B 11 21.26 6.88 18.93
CA GLU B 11 19.82 6.81 19.11
C GLU B 11 19.16 8.13 18.70
N GLU B 12 19.75 9.23 19.16
CA GLU B 12 19.28 10.57 18.81
C GLU B 12 19.33 10.81 17.31
N ILE B 13 20.09 9.99 16.61
CA ILE B 13 20.15 10.04 15.15
C ILE B 13 18.95 9.30 14.55
N LEU B 14 18.75 8.06 14.99
CA LEU B 14 17.63 7.26 14.53
C LEU B 14 16.30 7.85 14.99
N GLN B 15 16.34 8.68 16.03
CA GLN B 15 15.16 9.39 16.48
C GLN B 15 14.79 10.49 15.49
N SER B 16 15.79 11.29 15.12
CA SER B 16 15.59 12.35 14.15
C SER B 16 15.22 11.79 12.80
N LEU B 17 15.71 10.57 12.51
CA LEU B 17 15.40 9.90 11.26
C LEU B 17 13.93 9.48 11.22
N ALA B 18 13.50 8.74 12.23
CA ALA B 18 12.12 8.29 12.32
C ALA B 18 11.15 9.46 12.15
N LEU B 19 11.41 10.53 12.89
CA LEU B 19 10.60 11.75 12.77
C LEU B 19 10.65 12.28 11.35
N MET B 20 11.86 12.40 10.80
CA MET B 20 12.05 12.85 9.43
C MET B 20 11.27 11.98 8.46
N LEU B 21 11.27 10.67 8.72
CA LEU B 21 10.60 9.71 7.86
C LEU B 21 9.09 9.93 7.82
N GLU B 22 8.59 10.68 8.79
CA GLU B 22 7.15 10.92 8.88
C GLU B 22 6.79 12.40 8.65
N SER B 23 7.73 13.28 8.94
CA SER B 23 7.53 14.71 8.71
C SER B 23 7.62 15.03 7.23
N SER B 24 7.91 16.29 6.91
CA SER B 24 8.06 16.72 5.53
C SER B 24 9.07 15.85 4.79
N ASP B 25 10.20 15.62 5.43
CA ASP B 25 11.30 14.88 4.82
C ASP B 25 10.85 13.51 4.31
N GLY B 26 9.68 13.06 4.75
CA GLY B 26 9.13 11.80 4.30
C GLY B 26 8.58 11.88 2.90
N SER B 27 8.03 13.04 2.56
CA SER B 27 7.50 13.27 1.21
C SER B 27 8.62 13.25 0.19
N GLN B 28 9.76 13.84 0.56
CA GLN B 28 10.90 13.95 -0.35
C GLN B 28 12.06 13.02 0.01
N ARG B 29 13.25 13.60 0.10
CA ARG B 29 14.47 12.79 0.18
C ARG B 29 15.22 12.91 1.50
N ILE B 30 15.72 11.78 1.99
CA ILE B 30 16.56 11.74 3.18
C ILE B 30 18.03 11.87 2.80
N THR B 31 18.65 12.98 3.20
CA THR B 31 20.05 13.22 2.89
C THR B 31 20.93 13.17 4.14
N THR B 32 22.14 12.65 3.99
CA THR B 32 23.11 12.64 5.09
C THR B 32 23.27 14.04 5.66
N ALA B 33 23.02 15.05 4.82
CA ALA B 33 23.07 16.44 5.24
C ALA B 33 21.96 16.76 6.23
N LYS B 34 20.73 16.81 5.72
CA LYS B 34 19.55 17.08 6.55
C LYS B 34 19.61 16.30 7.85
N LEU B 35 20.14 15.08 7.77
CA LEU B 35 20.16 14.16 8.90
C LEU B 35 21.07 14.62 10.02
N ALA B 36 22.26 15.10 9.65
CA ALA B 36 23.22 15.57 10.64
C ALA B 36 22.85 16.95 11.16
N ALA B 37 22.27 17.76 10.30
CA ALA B 37 21.87 19.13 10.65
C ALA B 37 20.81 19.14 11.75
N SER B 38 20.11 18.02 11.90
CA SER B 38 19.07 17.90 12.92
C SER B 38 19.65 17.47 14.25
N VAL B 39 20.60 16.54 14.21
CA VAL B 39 21.25 16.06 15.43
C VAL B 39 22.42 16.96 15.81
N GLY B 40 22.57 18.07 15.10
CA GLY B 40 23.54 19.09 15.42
C GLY B 40 24.99 18.66 15.26
N VAL B 41 25.26 17.86 14.22
CA VAL B 41 26.62 17.38 13.97
C VAL B 41 26.97 17.51 12.49
N SER B 42 28.25 17.33 12.17
CA SER B 42 28.70 17.39 10.78
C SER B 42 28.51 16.03 10.09
N GLU B 43 28.55 16.04 8.76
CA GLU B 43 28.43 14.82 7.98
C GLU B 43 29.45 13.76 8.41
N ALA B 44 30.72 14.11 8.31
CA ALA B 44 31.81 13.21 8.66
C ALA B 44 31.56 12.52 10.00
N ALA B 45 30.95 13.25 10.93
CA ALA B 45 30.69 12.70 12.25
C ALA B 45 29.46 11.80 12.27
N LEU B 46 28.44 12.16 11.49
CA LEU B 46 27.28 11.28 11.32
C LEU B 46 27.75 9.97 10.70
N TYR B 47 28.77 10.08 9.85
CA TYR B 47 29.32 8.94 9.13
C TYR B 47 29.91 7.90 10.09
N ARG B 48 30.49 8.37 11.18
CA ARG B 48 31.14 7.49 12.15
C ARG B 48 30.17 6.50 12.79
N HIS B 49 29.00 6.99 13.19
CA HIS B 49 27.97 6.11 13.73
C HIS B 49 27.40 5.24 12.62
N PHE B 50 26.90 5.88 11.57
CA PHE B 50 26.36 5.17 10.42
C PHE B 50 27.16 5.54 9.17
N PRO B 51 28.03 4.62 8.72
CA PRO B 51 28.87 4.85 7.54
C PRO B 51 28.04 5.09 6.29
N SER B 52 27.38 4.04 5.80
CA SER B 52 26.50 4.17 4.65
C SER B 52 25.12 4.63 5.11
N LYS B 53 24.12 4.43 4.25
CA LYS B 53 22.75 4.78 4.60
C LYS B 53 21.85 3.58 4.29
N THR B 54 22.22 2.83 3.25
CA THR B 54 21.50 1.63 2.87
C THR B 54 21.46 0.64 4.03
N ARG B 55 22.49 0.67 4.87
CA ARG B 55 22.58 -0.24 6.00
C ARG B 55 22.01 0.42 7.25
N MET B 56 21.73 1.71 7.15
CA MET B 56 21.22 2.49 8.26
C MET B 56 19.70 2.36 8.39
N PHE B 57 19.06 1.90 7.32
CA PHE B 57 17.63 1.64 7.33
C PHE B 57 17.34 0.28 7.95
N ASP B 58 18.28 -0.66 7.81
CA ASP B 58 18.14 -1.97 8.44
C ASP B 58 18.10 -1.80 9.95
N SER B 59 18.90 -0.89 10.47
CA SER B 59 18.86 -0.56 11.88
C SER B 59 17.44 -0.22 12.29
N LEU B 60 16.72 0.43 11.38
CA LEU B 60 15.32 0.81 11.60
C LEU B 60 14.36 -0.33 11.29
N ILE B 61 14.53 -0.93 10.12
CA ILE B 61 13.78 -2.13 9.76
C ILE B 61 13.93 -3.12 10.89
N GLU B 62 15.18 -3.44 11.23
CA GLU B 62 15.45 -4.50 12.19
C GLU B 62 15.03 -4.19 13.62
N PHE B 63 14.52 -2.99 13.84
CA PHE B 63 13.80 -2.66 15.06
C PHE B 63 12.32 -2.96 14.84
N ILE B 64 11.93 -3.02 13.58
CA ILE B 64 10.54 -3.27 13.20
C ILE B 64 10.15 -4.75 13.30
N GLU B 65 10.79 -5.60 12.50
CA GLU B 65 10.43 -7.02 12.49
C GLU B 65 10.66 -7.68 13.85
N ASP B 66 11.65 -7.19 14.59
CA ASP B 66 11.87 -7.69 15.94
C ASP B 66 10.77 -7.22 16.87
N SER B 67 10.58 -5.91 16.93
CA SER B 67 9.54 -5.34 17.76
C SER B 67 8.19 -5.91 17.35
N LEU B 68 8.13 -6.56 16.18
CA LEU B 68 6.86 -7.09 15.68
C LEU B 68 6.76 -8.60 15.86
N ILE B 69 7.80 -9.31 15.44
CA ILE B 69 7.82 -10.77 15.51
C ILE B 69 7.86 -11.29 16.93
N THR B 70 8.66 -10.66 17.78
CA THR B 70 8.78 -11.07 19.18
C THR B 70 7.46 -10.89 19.92
N ARG B 71 6.68 -9.89 19.51
CA ARG B 71 5.38 -9.65 20.11
C ARG B 71 4.40 -10.72 19.69
N ILE B 72 4.45 -11.08 18.41
CA ILE B 72 3.57 -12.13 17.89
C ILE B 72 3.76 -13.44 18.65
N ASN B 73 5.02 -13.79 18.93
CA ASN B 73 5.33 -14.98 19.70
C ASN B 73 4.89 -14.85 21.15
N LEU B 74 4.97 -13.63 21.68
CA LEU B 74 4.57 -13.33 23.05
C LEU B 74 3.05 -13.24 23.14
N ILE B 75 2.41 -13.09 21.99
CA ILE B 75 0.95 -13.11 21.90
C ILE B 75 0.44 -14.56 21.92
N LEU B 76 1.08 -15.41 21.12
CA LEU B 76 0.71 -16.82 21.06
C LEU B 76 0.89 -17.50 22.42
N LYS B 77 1.77 -16.95 23.24
CA LYS B 77 2.03 -17.50 24.57
C LYS B 77 1.03 -17.00 25.60
N ASP B 78 0.68 -15.72 25.51
CA ASP B 78 -0.26 -15.12 26.45
C ASP B 78 -1.71 -15.50 26.12
N GLU B 79 -1.96 -15.80 24.86
CA GLU B 79 -3.31 -16.13 24.40
C GLU B 79 -3.31 -17.45 23.62
N LYS B 80 -4.32 -18.28 23.88
CA LYS B 80 -4.38 -19.60 23.24
C LYS B 80 -5.55 -19.71 22.26
N ASP B 81 -6.57 -18.89 22.46
CA ASP B 81 -7.75 -18.89 21.60
C ASP B 81 -7.41 -18.37 20.21
N THR B 82 -7.58 -19.22 19.20
CA THR B 82 -7.23 -18.87 17.82
C THR B 82 -7.68 -17.47 17.42
N THR B 83 -8.99 -17.27 17.36
CA THR B 83 -9.55 -15.97 17.00
C THR B 83 -8.90 -14.85 17.78
N ALA B 84 -8.83 -15.01 19.10
CA ALA B 84 -8.24 -14.00 19.96
C ALA B 84 -6.80 -13.69 19.55
N ARG B 85 -6.08 -14.71 19.09
CA ARG B 85 -4.71 -14.53 18.63
C ARG B 85 -4.66 -13.67 17.37
N LEU B 86 -5.40 -14.08 16.34
CA LEU B 86 -5.44 -13.35 15.08
C LEU B 86 -5.85 -11.90 15.31
N ARG B 87 -6.81 -11.68 16.21
CA ARG B 87 -7.25 -10.34 16.55
C ARG B 87 -6.11 -9.53 17.15
N LEU B 88 -5.36 -10.16 18.06
CA LEU B 88 -4.24 -9.50 18.72
C LEU B 88 -3.09 -9.24 17.75
N ILE B 89 -2.84 -10.19 16.85
CA ILE B 89 -1.79 -10.03 15.85
C ILE B 89 -2.10 -8.87 14.91
N VAL B 90 -3.33 -8.85 14.40
CA VAL B 90 -3.75 -7.78 13.50
C VAL B 90 -3.73 -6.41 14.19
N LEU B 91 -4.08 -6.40 15.47
CA LEU B 91 -4.05 -5.16 16.25
C LEU B 91 -2.62 -4.74 16.54
N LEU B 92 -1.74 -5.72 16.71
CA LEU B 92 -0.32 -5.44 16.91
C LEU B 92 0.24 -4.68 15.72
N ILE B 93 0.11 -5.27 14.54
CA ILE B 93 0.56 -4.65 13.30
C ILE B 93 -0.01 -3.25 13.16
N LEU B 94 -1.32 -3.13 13.31
CA LEU B 94 -2.01 -1.85 13.18
C LEU B 94 -1.54 -0.84 14.23
N GLY B 95 -1.49 -1.26 15.48
CA GLY B 95 -1.11 -0.40 16.58
C GLY B 95 0.33 0.09 16.48
N PHE B 96 1.21 -0.80 16.05
CA PHE B 96 2.62 -0.45 15.88
C PHE B 96 2.81 0.61 14.80
N GLY B 97 2.19 0.38 13.65
CA GLY B 97 2.27 1.32 12.54
C GLY B 97 1.77 2.70 12.93
N GLU B 98 0.68 2.72 13.70
CA GLU B 98 0.06 3.97 14.12
C GLU B 98 0.98 4.78 15.03
N ARG B 99 1.63 4.10 15.97
CA ARG B 99 2.53 4.77 16.90
C ARG B 99 3.90 5.05 16.29
N ASN B 100 4.11 4.56 15.08
CA ASN B 100 5.35 4.79 14.36
C ASN B 100 5.12 5.14 12.89
N PRO B 101 4.55 6.34 12.66
CA PRO B 101 4.21 6.80 11.31
C PRO B 101 5.38 6.68 10.34
N GLY B 102 6.56 7.12 10.79
CA GLY B 102 7.75 7.04 9.96
C GLY B 102 8.07 5.61 9.55
N LEU B 103 8.07 4.71 10.52
CA LEU B 103 8.37 3.31 10.24
C LEU B 103 7.33 2.67 9.32
N THR B 104 6.11 3.20 9.37
CA THR B 104 5.04 2.71 8.49
C THR B 104 5.40 2.98 7.04
N ARG B 105 5.93 4.16 6.77
CA ARG B 105 6.36 4.51 5.42
C ARG B 105 7.38 3.51 4.89
N ILE B 106 8.13 2.90 5.80
CA ILE B 106 9.05 1.84 5.43
C ILE B 106 8.28 0.55 5.15
N LEU B 107 7.34 0.24 6.04
CA LEU B 107 6.50 -0.95 5.88
C LEU B 107 5.75 -0.95 4.56
N THR B 108 5.21 0.20 4.18
CA THR B 108 4.43 0.32 2.96
C THR B 108 5.31 0.42 1.71
N GLY B 109 6.59 0.71 1.93
CA GLY B 109 7.56 0.72 0.84
C GLY B 109 7.77 2.07 0.18
N HIS B 110 7.14 3.10 0.73
CA HIS B 110 7.28 4.45 0.17
C HIS B 110 8.60 5.09 0.55
N ALA B 111 9.07 4.79 1.75
CA ALA B 111 10.34 5.33 2.22
C ALA B 111 11.52 4.63 1.56
N LEU B 112 11.27 3.44 1.02
CA LEU B 112 12.33 2.63 0.42
C LEU B 112 12.49 2.90 -1.07
N MET B 113 11.59 3.69 -1.63
CA MET B 113 11.63 4.02 -3.06
C MET B 113 12.95 4.68 -3.46
N PHE B 114 13.51 5.48 -2.55
CA PHE B 114 14.73 6.22 -2.85
C PHE B 114 15.98 5.40 -2.56
N GLU B 115 15.82 4.32 -1.81
CA GLU B 115 16.92 3.44 -1.47
C GLU B 115 17.00 2.28 -2.46
N GLN B 116 18.04 1.45 -2.33
CA GLN B 116 18.23 0.36 -3.30
C GLN B 116 17.36 -0.86 -3.00
N ASP B 117 17.15 -1.66 -4.04
CA ASP B 117 16.17 -2.74 -4.00
C ASP B 117 16.41 -3.80 -2.93
N ARG B 118 17.60 -3.82 -2.35
CA ARG B 118 17.92 -4.76 -1.28
C ARG B 118 16.92 -4.64 -0.14
N LEU B 119 16.48 -3.42 0.14
CA LEU B 119 15.63 -3.15 1.29
C LEU B 119 14.18 -3.58 1.11
N GLN B 120 13.61 -3.28 -0.06
CA GLN B 120 12.23 -3.67 -0.31
C GLN B 120 12.08 -5.19 -0.25
N GLY B 121 13.19 -5.88 -0.46
CA GLY B 121 13.21 -7.33 -0.35
C GLY B 121 13.15 -7.80 1.08
N ARG B 122 13.83 -7.06 1.96
CA ARG B 122 13.84 -7.38 3.39
C ARG B 122 12.44 -7.24 3.97
N ILE B 123 11.71 -6.23 3.50
CA ILE B 123 10.36 -5.95 3.99
C ILE B 123 9.34 -6.98 3.48
N ASN B 124 9.49 -7.39 2.22
CA ASN B 124 8.67 -8.46 1.70
C ASN B 124 8.79 -9.70 2.57
N GLN B 125 10.04 -10.06 2.89
CA GLN B 125 10.31 -11.20 3.76
C GLN B 125 9.66 -11.02 5.13
N LEU B 126 9.60 -9.78 5.60
CA LEU B 126 8.95 -9.49 6.87
C LEU B 126 7.46 -9.82 6.80
N PHE B 127 6.84 -9.49 5.68
CA PHE B 127 5.43 -9.81 5.47
C PHE B 127 5.24 -11.31 5.29
N GLU B 128 6.25 -11.98 4.73
CA GLU B 128 6.23 -13.43 4.59
C GLU B 128 6.16 -14.09 5.96
N ARG B 129 7.01 -13.63 6.88
CA ARG B 129 7.05 -14.20 8.22
C ARG B 129 5.79 -13.90 9.03
N ILE B 130 5.20 -12.73 8.80
CA ILE B 130 3.93 -12.39 9.45
C ILE B 130 2.81 -13.29 8.94
N GLU B 131 2.72 -13.40 7.62
CA GLU B 131 1.67 -14.19 6.99
C GLU B 131 1.82 -15.67 7.32
N ALA B 132 3.04 -16.17 7.21
CA ALA B 132 3.32 -17.56 7.58
C ALA B 132 2.92 -17.81 9.03
N GLN B 133 3.04 -16.79 9.87
CA GLN B 133 2.69 -16.89 11.27
C GLN B 133 1.18 -16.85 11.46
N LEU B 134 0.49 -16.27 10.47
CA LEU B 134 -0.96 -16.22 10.48
C LEU B 134 -1.56 -17.59 10.15
N ARG B 135 -1.03 -18.22 9.11
CA ARG B 135 -1.45 -19.57 8.69
C ARG B 135 -1.34 -20.58 9.84
N GLN B 136 -0.13 -20.76 10.36
CA GLN B 136 0.14 -21.56 11.54
C GLN B 136 -0.92 -21.39 12.63
N VAL B 137 -1.11 -20.16 13.10
CA VAL B 137 -2.15 -19.89 14.10
C VAL B 137 -3.47 -20.47 13.63
N MET B 138 -3.80 -20.26 12.36
CA MET B 138 -5.04 -20.76 11.79
C MET B 138 -5.08 -22.29 11.76
N ARG B 139 -3.94 -22.92 11.49
CA ARG B 139 -3.88 -24.37 11.38
C ARG B 139 -4.00 -25.08 12.73
N GLU B 140 -3.62 -24.39 13.80
CA GLU B 140 -3.76 -24.95 15.14
C GLU B 140 -5.23 -25.01 15.58
N LYS B 141 -6.09 -24.41 14.76
CA LYS B 141 -7.53 -24.33 15.05
C LYS B 141 -8.10 -25.70 15.43
N LYS B 142 -7.96 -26.66 14.53
CA LYS B 142 -8.55 -27.98 14.72
C LYS B 142 -8.13 -28.63 16.03
N MET B 143 -6.82 -28.74 16.25
CA MET B 143 -6.29 -29.40 17.43
C MET B 143 -6.68 -28.71 18.74
N ARG B 144 -7.02 -27.43 18.65
CA ARG B 144 -7.30 -26.64 19.85
C ARG B 144 -8.78 -26.55 20.21
N GLU B 145 -9.65 -26.65 19.21
CA GLU B 145 -11.07 -26.40 19.43
C GLU B 145 -11.99 -27.51 18.93
N GLY B 146 -11.49 -28.32 18.01
CA GLY B 146 -12.26 -29.46 17.51
C GLY B 146 -12.28 -29.57 16.00
N GLU B 147 -12.44 -28.43 15.33
CA GLU B 147 -12.48 -28.41 13.87
C GLU B 147 -11.70 -27.22 13.33
N GLY B 148 -11.14 -27.37 12.15
CA GLY B 148 -10.41 -26.28 11.51
C GLY B 148 -11.34 -25.46 10.65
N TYR B 149 -10.79 -24.49 9.93
CA TYR B 149 -11.57 -23.70 8.99
C TYR B 149 -11.92 -24.57 7.78
N THR B 150 -13.01 -24.23 7.09
CA THR B 150 -13.39 -24.94 5.89
C THR B 150 -12.62 -24.41 4.69
N LEU B 151 -12.38 -23.10 4.69
CA LEU B 151 -11.66 -22.45 3.60
C LEU B 151 -10.16 -22.63 3.72
N ASP B 152 -9.46 -22.52 2.60
CA ASP B 152 -8.01 -22.63 2.57
C ASP B 152 -7.38 -21.63 3.55
N GLU B 153 -6.48 -22.12 4.40
CA GLU B 153 -5.85 -21.30 5.41
C GLU B 153 -5.01 -20.17 4.82
N THR B 154 -4.32 -20.44 3.72
CA THR B 154 -3.51 -19.43 3.05
C THR B 154 -4.36 -18.26 2.60
N LEU B 155 -5.45 -18.56 1.91
CA LEU B 155 -6.38 -17.54 1.43
C LEU B 155 -6.83 -16.64 2.57
N LEU B 156 -7.14 -17.25 3.71
CA LEU B 156 -7.58 -16.50 4.89
C LEU B 156 -6.45 -15.63 5.44
N ALA B 157 -5.24 -16.18 5.46
CA ALA B 157 -4.08 -15.47 5.96
C ALA B 157 -3.78 -14.23 5.11
N SER B 158 -3.76 -14.42 3.79
CA SER B 158 -3.49 -13.31 2.88
C SER B 158 -4.61 -12.28 2.94
N GLN B 159 -5.82 -12.75 3.22
CA GLN B 159 -6.97 -11.86 3.35
C GLN B 159 -6.78 -10.95 4.56
N LEU B 160 -6.27 -11.52 5.64
CA LEU B 160 -5.96 -10.74 6.85
C LEU B 160 -4.80 -9.80 6.60
N LEU B 161 -3.83 -10.25 5.82
CA LEU B 161 -2.67 -9.44 5.48
C LEU B 161 -3.10 -8.26 4.63
N ALA B 162 -4.01 -8.50 3.70
CA ALA B 162 -4.54 -7.46 2.83
C ALA B 162 -5.19 -6.35 3.65
N PHE B 163 -5.94 -6.75 4.67
CA PHE B 163 -6.59 -5.78 5.56
C PHE B 163 -5.55 -4.90 6.25
N CYS B 164 -4.49 -5.52 6.75
CA CYS B 164 -3.43 -4.79 7.45
C CYS B 164 -2.72 -3.81 6.52
N GLU B 165 -2.28 -4.31 5.37
CA GLU B 165 -1.57 -3.46 4.40
C GLU B 165 -2.46 -2.33 3.90
N GLY B 166 -3.73 -2.63 3.71
CA GLY B 166 -4.68 -1.62 3.23
C GLY B 166 -4.82 -0.48 4.22
N MET B 167 -4.93 -0.81 5.50
CA MET B 167 -5.05 0.20 6.54
C MET B 167 -3.77 1.02 6.66
N LEU B 168 -2.62 0.36 6.53
CA LEU B 168 -1.34 1.04 6.60
C LEU B 168 -1.13 1.96 5.40
N SER B 169 -1.44 1.46 4.21
CA SER B 169 -1.31 2.25 2.98
C SER B 169 -2.18 3.49 3.10
N ARG B 170 -3.38 3.26 3.58
CA ARG B 170 -4.37 4.29 3.80
C ARG B 170 -3.89 5.31 4.84
N PHE B 171 -3.19 4.80 5.84
CA PHE B 171 -2.61 5.63 6.88
C PHE B 171 -1.58 6.57 6.27
N VAL B 172 -0.82 6.07 5.30
CA VAL B 172 0.26 6.82 4.69
C VAL B 172 -0.24 7.91 3.72
N ARG B 173 -1.03 7.50 2.73
CA ARG B 173 -1.48 8.44 1.70
C ARG B 173 -2.37 9.54 2.27
N SER B 174 -3.07 9.25 3.35
CA SER B 174 -3.92 10.24 4.00
C SER B 174 -3.07 11.16 4.88
N GLU B 175 -1.76 10.98 4.81
CA GLU B 175 -0.82 11.77 5.60
C GLU B 175 -1.06 11.57 7.11
N PHE B 176 -1.37 10.33 7.48
CA PHE B 176 -1.51 9.95 8.88
C PHE B 176 -2.78 10.50 9.52
N LYS B 177 -3.77 10.83 8.70
CA LYS B 177 -5.05 11.30 9.19
C LYS B 177 -5.94 10.09 9.54
N TYR B 178 -5.94 9.10 8.66
CA TYR B 178 -6.72 7.89 8.89
C TYR B 178 -5.92 6.87 9.69
N ARG B 179 -6.10 6.91 11.01
CA ARG B 179 -5.36 6.02 11.90
C ARG B 179 -5.82 4.57 11.77
N PRO B 180 -4.85 3.65 11.64
CA PRO B 180 -5.06 2.22 11.38
C PRO B 180 -5.93 1.52 12.43
N THR B 181 -5.93 2.03 13.65
CA THR B 181 -6.70 1.39 14.73
C THR B 181 -8.07 2.03 14.91
N ASP B 182 -8.29 3.19 14.28
CA ASP B 182 -9.58 3.85 14.35
C ASP B 182 -10.72 2.88 14.05
N ASP B 183 -11.67 2.79 14.97
CA ASP B 183 -12.86 1.96 14.78
C ASP B 183 -12.51 0.47 14.65
N PHE B 184 -11.38 0.07 15.23
CA PHE B 184 -10.94 -1.33 15.13
C PHE B 184 -11.94 -2.30 15.75
N ASP B 185 -12.55 -1.91 16.86
CA ASP B 185 -13.51 -2.77 17.55
C ASP B 185 -14.74 -3.02 16.68
N ALA B 186 -15.05 -2.08 15.80
CA ALA B 186 -16.16 -2.25 14.87
C ALA B 186 -15.69 -2.96 13.61
N ARG B 187 -14.41 -2.79 13.29
CA ARG B 187 -13.82 -3.38 12.09
C ARG B 187 -13.53 -4.87 12.25
N TRP B 188 -12.98 -5.25 13.40
CA TRP B 188 -12.54 -6.64 13.60
C TRP B 188 -13.62 -7.69 13.37
N PRO B 189 -14.81 -7.50 13.97
CA PRO B 189 -15.88 -8.49 13.77
C PRO B 189 -16.16 -8.71 12.28
N LEU B 190 -15.94 -7.67 11.48
CA LEU B 190 -16.12 -7.75 10.04
C LEU B 190 -15.03 -8.60 9.40
N VAL B 191 -13.79 -8.39 9.84
CA VAL B 191 -12.66 -9.15 9.34
C VAL B 191 -12.75 -10.62 9.77
N ALA B 192 -13.17 -10.83 11.02
CA ALA B 192 -13.31 -12.17 11.56
C ALA B 192 -14.40 -12.96 10.84
N ALA B 193 -15.41 -12.25 10.35
CA ALA B 193 -16.52 -12.89 9.65
C ALA B 193 -16.04 -13.68 8.43
N GLN B 194 -14.82 -13.41 7.99
CA GLN B 194 -14.25 -14.09 6.85
C GLN B 194 -13.73 -15.47 7.24
N LEU B 195 -13.19 -15.56 8.46
CA LEU B 195 -12.65 -16.81 8.96
C LEU B 195 -13.76 -17.84 9.13
N GLN B 196 -14.10 -18.50 8.03
CA GLN B 196 -15.24 -19.40 7.96
C GLN B 196 -16.57 -18.69 8.17
N LEU C 1 -16.78 -6.08 -17.93
CA LEU C 1 -15.85 -4.98 -17.74
C LEU C 1 -14.73 -5.01 -18.78
N ASP C 2 -14.75 -4.06 -19.70
CA ASP C 2 -13.66 -3.90 -20.65
C ASP C 2 -12.57 -3.00 -20.07
N ILE C 3 -11.75 -3.58 -19.18
CA ILE C 3 -10.71 -2.82 -18.51
C ILE C 3 -9.63 -2.36 -19.49
N PRO C 4 -9.51 -1.04 -19.67
CA PRO C 4 -8.57 -0.45 -20.63
C PRO C 4 -7.12 -0.65 -20.19
N ALA C 5 -6.25 -0.91 -21.16
CA ALA C 5 -4.83 -1.08 -20.88
C ALA C 5 -4.04 0.04 -21.54
N PHE C 6 -3.47 0.93 -20.71
CA PHE C 6 -2.72 2.07 -21.22
C PHE C 6 -1.66 1.63 -22.21
N LEU C 7 -0.86 0.64 -21.83
CA LEU C 7 0.17 0.12 -22.71
C LEU C 7 -0.40 -0.86 -23.73
N ARG C 8 -0.06 -0.65 -24.99
CA ARG C 8 -0.45 -1.55 -26.06
C ARG C 8 0.73 -2.43 -26.47
N LYS C 9 0.47 -3.73 -26.60
CA LYS C 9 1.51 -4.63 -27.05
C LYS C 9 1.55 -4.73 -28.56
N GLN C 10 0.94 -3.76 -29.24
CA GLN C 10 1.07 -3.62 -30.68
C GLN C 10 2.11 -2.53 -30.96
N ALA C 11 2.94 -2.25 -29.96
CA ALA C 11 3.97 -1.23 -30.07
C ALA C 11 5.22 -1.63 -29.31
S SO4 D . 13.01 -3.84 -9.63
O1 SO4 D . 14.10 -2.87 -9.61
O2 SO4 D . 13.26 -4.80 -10.70
O3 SO4 D . 12.96 -4.53 -8.35
O4 SO4 D . 11.75 -3.16 -9.88
S SO4 E . 8.69 20.62 -12.13
O1 SO4 E . 9.28 21.74 -12.83
O2 SO4 E . 9.03 20.70 -10.71
O3 SO4 E . 7.23 20.66 -12.28
O4 SO4 E . 9.21 19.37 -12.67
S SO4 F . 25.31 3.26 0.39
O1 SO4 F . 26.46 4.02 0.91
O2 SO4 F . 25.52 2.98 -1.02
O3 SO4 F . 25.18 2.01 1.14
O4 SO4 F . 24.10 4.06 0.55
#